data_6HPT
#
_entry.id   6HPT
#
_cell.length_a   63.540
_cell.length_b   81.400
_cell.length_c   91.480
_cell.angle_alpha   90.00
_cell.angle_beta   90.00
_cell.angle_gamma   90.00
#
_symmetry.space_group_name_H-M   'P 21 21 21'
#
loop_
_entity.id
_entity.type
_entity.pdbx_description
1 polymer 'ATP-dependent DNA helicase PIF1'
2 non-polymer 'SULFATE ION'
3 water water
#
_entity_poly.entity_id   1
_entity_poly.type   'polypeptide(L)'
_entity_poly.pdbx_seq_one_letter_code
;SRMQLSEEQAAVLRAVLKGQSIFFTGSAGTGKSYLLKRILGSLPPTGTVATASTGVAACHIGGTTLHAFAGIGSGQAPLA
QCVALAQRPGVRQGWLNCQRLVIDEISMVEADLFDKLEAVARAVRQQNKPFGGIQLIICGDFLQLPPVTKGSQPPRFCFQ
SKSWKRCVPVTLELTKVWRQADQTFISLLQAVRLGRCSDEVTRQLQATASHKVGRDGIVATRLCTHQDDVALTNERRLQE
LPGKVHRFEAMDSNPELASTLDAQCPVSQLLQLKLGAQVMLVKNLSVSRGLVNGARGVVVGFEAEGRGLPQVRFLCGVTE
VIHADRWTVQATGGQLLSRQQLPLQLAWAMSIHKSQGMTLDCVEISLGRVFASGQAYVALSRARSLQGLRVLDFDPMAVR
CDPRVLHFYATLRRGRSLSLESPDDDEAASDQENMDPIL
;
_entity_poly.pdbx_strand_id   A
#
loop_
_chem_comp.id
_chem_comp.type
_chem_comp.name
_chem_comp.formula
SO4 non-polymer 'SULFATE ION' 'O4 S -2'
#
# COMPACT_ATOMS: atom_id res chain seq x y z
N SER A 1 21.42 -6.13 -10.96
CA SER A 1 20.68 -5.85 -9.71
C SER A 1 21.27 -4.59 -9.08
N ARG A 2 20.64 -3.48 -9.46
CA ARG A 2 20.95 -2.15 -9.00
C ARG A 2 21.56 -2.04 -7.61
N MET A 3 20.92 -2.61 -6.59
CA MET A 3 21.44 -2.47 -5.24
C MET A 3 21.68 -3.79 -4.52
N GLN A 4 22.73 -3.85 -3.71
CA GLN A 4 22.97 -5.06 -2.96
C GLN A 4 22.06 -5.17 -1.74
N LEU A 5 21.61 -6.39 -1.47
CA LEU A 5 20.76 -6.59 -0.31
C LEU A 5 21.53 -6.54 1.02
N SER A 6 20.89 -6.07 2.08
CA SER A 6 21.45 -6.13 3.44
C SER A 6 21.51 -7.57 3.99
N GLU A 7 22.25 -7.79 5.10
CA GLU A 7 22.35 -9.13 5.67
C GLU A 7 20.94 -9.61 6.08
N GLU A 8 20.13 -8.74 6.70
CA GLU A 8 18.77 -9.19 7.05
C GLU A 8 17.91 -9.54 5.81
N GLN A 9 17.96 -8.72 4.77
CA GLN A 9 17.21 -9.03 3.58
C GLN A 9 17.71 -10.32 2.84
N ALA A 10 19.06 -10.51 2.85
CA ALA A 10 19.63 -11.70 2.21
C ALA A 10 19.14 -12.98 2.85
N ALA A 11 19.01 -12.96 4.19
CA ALA A 11 18.47 -14.10 4.93
C ALA A 11 17.10 -14.48 4.51
N VAL A 12 16.22 -13.51 4.32
CA VAL A 12 14.87 -13.78 3.74
C VAL A 12 14.99 -14.47 2.39
N LEU A 13 15.74 -13.87 1.50
CA LEU A 13 15.87 -14.39 0.14
C LEU A 13 16.39 -15.85 0.14
N ARG A 14 17.40 -16.14 0.94
CA ARG A 14 17.90 -17.52 1.08
C ARG A 14 16.80 -18.51 1.41
N ALA A 15 16.02 -18.18 2.45
CA ALA A 15 14.98 -19.03 2.92
C ALA A 15 13.91 -19.30 1.84
N VAL A 16 13.51 -18.26 1.08
CA VAL A 16 12.54 -18.32 0.07
C VAL A 16 13.07 -19.32 -1.05
N LEU A 17 14.34 -19.20 -1.40
CA LEU A 17 14.88 -20.03 -2.52
C LEU A 17 15.12 -21.47 -2.11
N LYS A 18 15.19 -21.73 -0.82
CA LYS A 18 15.20 -23.14 -0.33
C LYS A 18 13.79 -23.75 -0.22
N GLY A 19 12.74 -23.02 -0.60
CA GLY A 19 11.36 -23.45 -0.58
C GLY A 19 10.58 -23.30 0.74
N GLN A 20 11.11 -22.55 1.68
CA GLN A 20 10.51 -22.41 3.03
C GLN A 20 9.40 -21.40 3.04
N SER A 21 8.28 -21.71 3.71
CA SER A 21 7.26 -20.70 4.03
C SER A 21 7.80 -19.76 5.09
N ILE A 22 7.61 -18.45 4.84
CA ILE A 22 8.17 -17.41 5.66
C ILE A 22 7.27 -16.19 5.75
N PHE A 23 7.21 -15.57 6.95
CA PHE A 23 6.69 -14.16 7.09
C PHE A 23 7.87 -13.28 7.38
N PHE A 24 7.98 -12.17 6.57
CA PHE A 24 9.05 -11.13 6.91
C PHE A 24 8.34 -9.82 7.24
N THR A 25 8.94 -9.10 8.21
CA THR A 25 8.17 -7.98 8.82
C THR A 25 9.14 -6.93 9.33
N GLY A 26 8.69 -5.72 9.56
CA GLY A 26 9.50 -4.60 10.06
C GLY A 26 8.72 -3.27 9.76
N SER A 27 9.23 -2.21 10.39
CA SER A 27 8.65 -0.88 10.18
C SER A 27 8.73 -0.41 8.75
N ALA A 28 8.02 0.64 8.37
CA ALA A 28 8.28 1.40 7.17
C ALA A 28 9.79 1.84 7.16
N GLY A 29 10.33 1.95 5.95
CA GLY A 29 11.68 2.44 5.80
C GLY A 29 12.76 1.39 6.03
N THR A 30 12.41 0.07 6.07
CA THR A 30 13.39 -1.01 6.25
C THR A 30 13.67 -1.84 4.94
N GLY A 31 13.06 -1.42 3.84
CA GLY A 31 13.36 -2.07 2.57
C GLY A 31 12.51 -3.26 2.24
N LYS A 32 11.30 -3.35 2.80
CA LYS A 32 10.38 -4.46 2.54
C LYS A 32 9.92 -4.48 1.07
N SER A 33 9.56 -3.35 0.46
CA SER A 33 9.10 -3.21 -0.94
C SER A 33 10.25 -3.65 -1.89
N TYR A 34 11.47 -3.15 -1.63
CA TYR A 34 12.65 -3.50 -2.46
C TYR A 34 12.85 -5.02 -2.44
N LEU A 35 12.80 -5.61 -1.24
CA LEU A 35 12.96 -7.06 -1.07
C LEU A 35 11.87 -7.88 -1.77
N LEU A 36 10.63 -7.49 -1.73
CA LEU A 36 9.49 -8.16 -2.45
C LEU A 36 9.79 -8.20 -3.91
N LYS A 37 10.23 -7.07 -4.46
CA LYS A 37 10.53 -7.04 -5.90
C LYS A 37 11.67 -7.97 -6.25
N ARG A 38 12.72 -8.00 -5.44
CA ARG A 38 13.85 -8.93 -5.65
C ARG A 38 13.49 -10.43 -5.53
N ILE A 39 12.58 -10.78 -4.62
CA ILE A 39 12.02 -12.11 -4.45
C ILE A 39 11.27 -12.48 -5.75
N LEU A 40 10.41 -11.61 -6.26
CA LEU A 40 9.60 -11.92 -7.45
C LEU A 40 10.44 -11.97 -8.72
N GLY A 41 11.57 -11.26 -8.77
CA GLY A 41 12.47 -11.35 -9.93
C GLY A 41 13.26 -12.67 -9.87
N SER A 42 13.51 -13.20 -8.66
CA SER A 42 14.38 -14.39 -8.40
C SER A 42 13.62 -15.69 -8.62
N LEU A 43 12.31 -15.69 -8.44
CA LEU A 43 11.51 -16.88 -8.58
C LEU A 43 11.09 -17.12 -10.05
N PRO A 44 10.84 -18.39 -10.42
CA PRO A 44 10.20 -18.69 -11.73
C PRO A 44 8.83 -18.01 -11.83
N PRO A 45 8.58 -17.29 -12.90
CA PRO A 45 7.19 -16.92 -13.21
C PRO A 45 6.19 -18.06 -13.09
N THR A 46 6.53 -19.29 -13.61
CA THR A 46 5.53 -20.37 -13.65
C THR A 46 5.19 -20.83 -12.20
N GLY A 47 3.92 -20.82 -11.88
CA GLY A 47 3.44 -21.25 -10.55
C GLY A 47 3.50 -20.22 -9.43
N THR A 48 4.00 -19.00 -9.68
CA THR A 48 4.23 -17.95 -8.68
C THR A 48 3.07 -17.00 -8.83
N VAL A 49 2.33 -16.79 -7.75
CA VAL A 49 1.14 -15.96 -7.74
C VAL A 49 1.43 -14.78 -6.80
N ALA A 50 1.53 -13.60 -7.34
CA ALA A 50 1.72 -12.32 -6.52
C ALA A 50 0.36 -11.73 -6.13
N THR A 51 0.05 -11.59 -4.79
CA THR A 51 -1.15 -10.99 -4.37
C THR A 51 -0.88 -9.89 -3.21
N ALA A 52 -1.87 -9.04 -3.04
CA ALA A 52 -2.01 -8.14 -1.88
C ALA A 52 -3.41 -8.03 -1.44
N SER A 53 -3.56 -7.67 -0.20
CA SER A 53 -4.93 -7.43 0.32
C SER A 53 -5.71 -6.26 -0.35
N THR A 54 -5.04 -5.21 -0.82
CA THR A 54 -5.61 -4.10 -1.49
C THR A 54 -5.25 -3.99 -2.97
N GLY A 55 -6.12 -3.28 -3.69
CA GLY A 55 -5.90 -2.81 -5.05
C GLY A 55 -4.61 -2.03 -5.24
N VAL A 56 -4.42 -1.05 -4.35
CA VAL A 56 -3.24 -0.22 -4.38
C VAL A 56 -1.96 -1.04 -4.29
N ALA A 57 -1.84 -1.89 -3.27
CA ALA A 57 -0.64 -2.69 -3.16
C ALA A 57 -0.50 -3.77 -4.31
N ALA A 58 -1.62 -4.31 -4.78
CA ALA A 58 -1.55 -5.35 -5.84
C ALA A 58 -0.93 -4.80 -7.09
N CYS A 59 -1.27 -3.54 -7.41
CA CYS A 59 -0.71 -2.91 -8.62
C CYS A 59 0.77 -2.68 -8.47
N HIS A 60 1.22 -2.36 -7.26
CA HIS A 60 2.66 -2.06 -7.07
C HIS A 60 3.53 -3.24 -7.33
N ILE A 61 3.00 -4.45 -7.20
CA ILE A 61 3.76 -5.69 -7.46
C ILE A 61 3.39 -6.45 -8.64
N GLY A 62 2.56 -5.85 -9.50
CA GLY A 62 2.16 -6.51 -10.75
C GLY A 62 1.31 -7.74 -10.61
N GLY A 63 0.51 -7.78 -9.56
CA GLY A 63 -0.34 -8.94 -9.22
C GLY A 63 -1.81 -8.67 -9.12
N THR A 64 -2.48 -9.38 -8.23
CA THR A 64 -3.90 -9.26 -8.09
C THR A 64 -4.25 -9.25 -6.63
N THR A 65 -5.49 -8.91 -6.34
CA THR A 65 -5.95 -8.97 -4.97
C THR A 65 -6.16 -10.39 -4.51
N LEU A 66 -5.93 -10.61 -3.21
CA LEU A 66 -6.21 -11.91 -2.56
C LEU A 66 -7.72 -12.26 -2.76
N HIS A 67 -8.64 -11.31 -2.65
CA HIS A 67 -10.10 -11.50 -2.87
C HIS A 67 -10.34 -12.12 -4.30
N ALA A 68 -9.71 -11.48 -5.31
CA ALA A 68 -9.85 -11.94 -6.72
C ALA A 68 -9.27 -13.30 -7.01
N PHE A 69 -8.06 -13.60 -6.50
CA PHE A 69 -7.40 -14.86 -6.60
C PHE A 69 -8.27 -15.96 -5.98
N ALA A 70 -8.70 -15.70 -4.77
CA ALA A 70 -9.44 -16.68 -3.98
C ALA A 70 -10.77 -17.12 -4.63
N GLY A 71 -11.60 -16.13 -5.01
CA GLY A 71 -12.88 -16.49 -5.69
C GLY A 71 -13.89 -17.11 -4.75
N ILE A 72 -13.88 -16.76 -3.47
CA ILE A 72 -14.80 -17.35 -2.46
C ILE A 72 -15.86 -16.31 -2.01
N GLY A 73 -16.21 -15.40 -2.93
CA GLY A 73 -16.86 -14.13 -2.59
C GLY A 73 -16.31 -13.41 -1.38
N SER A 74 -17.17 -13.05 -0.43
CA SER A 74 -16.77 -12.27 0.76
C SER A 74 -16.04 -13.11 1.80
N GLY A 75 -16.20 -14.43 1.75
CA GLY A 75 -15.53 -15.41 2.67
C GLY A 75 -16.40 -15.75 3.87
N GLN A 76 -17.58 -15.13 3.93
CA GLN A 76 -18.44 -15.20 5.10
C GLN A 76 -19.42 -16.38 5.12
N ALA A 77 -19.54 -17.06 3.99
CA ALA A 77 -20.41 -18.27 3.88
C ALA A 77 -19.73 -19.48 4.54
N PRO A 78 -20.47 -20.57 4.87
CA PRO A 78 -19.84 -21.79 5.38
C PRO A 78 -18.85 -22.38 4.43
N LEU A 79 -17.89 -23.16 4.94
CA LEU A 79 -16.82 -23.73 4.10
C LEU A 79 -17.25 -24.36 2.79
N ALA A 80 -18.29 -25.21 2.86
CA ALA A 80 -18.69 -26.00 1.69
C ALA A 80 -19.13 -25.11 0.53
N GLN A 81 -19.80 -24.01 0.88
CA GLN A 81 -20.15 -22.93 -0.07
C GLN A 81 -18.92 -22.23 -0.67
N CYS A 82 -18.06 -21.70 0.23
CA CYS A 82 -16.74 -21.10 -0.17
C CYS A 82 -16.03 -22.08 -1.13
N VAL A 83 -15.96 -23.35 -0.73
CA VAL A 83 -15.32 -24.40 -1.54
C VAL A 83 -15.99 -24.57 -2.95
N ALA A 84 -17.32 -24.43 -2.99
CA ALA A 84 -18.09 -24.54 -4.28
C ALA A 84 -17.75 -23.37 -5.22
N LEU A 85 -17.74 -22.14 -4.67
CA LEU A 85 -17.25 -20.92 -5.40
C LEU A 85 -15.84 -21.02 -5.95
N ALA A 86 -14.93 -21.60 -5.16
CA ALA A 86 -13.55 -21.86 -5.63
C ALA A 86 -13.37 -22.92 -6.68
N GLN A 87 -14.41 -23.70 -6.92
CA GLN A 87 -14.41 -24.77 -7.91
C GLN A 87 -14.82 -24.30 -9.29
N ARG A 88 -15.42 -23.11 -9.37
CA ARG A 88 -15.90 -22.57 -10.64
C ARG A 88 -14.77 -22.54 -11.67
N PRO A 89 -15.11 -22.82 -12.93
CA PRO A 89 -14.09 -23.09 -13.93
C PRO A 89 -12.78 -22.29 -13.84
N GLY A 90 -12.81 -21.00 -14.06
CA GLY A 90 -11.55 -20.20 -14.06
C GLY A 90 -10.86 -20.09 -12.68
N VAL A 91 -11.70 -20.00 -11.67
CA VAL A 91 -11.18 -19.79 -10.32
C VAL A 91 -10.40 -21.05 -9.86
N ARG A 92 -11.01 -22.19 -10.12
CA ARG A 92 -10.39 -23.46 -9.78
C ARG A 92 -8.97 -23.71 -10.33
N GLN A 93 -8.69 -23.41 -11.60
CA GLN A 93 -7.33 -23.75 -12.11
C GLN A 93 -6.20 -22.81 -11.48
N GLY A 94 -6.65 -21.62 -11.08
CA GLY A 94 -5.76 -20.71 -10.35
C GLY A 94 -5.26 -21.32 -9.04
N TRP A 95 -6.22 -21.91 -8.29
CA TRP A 95 -5.81 -22.71 -7.12
C TRP A 95 -4.92 -23.91 -7.39
N LEU A 96 -5.29 -24.70 -8.39
CA LEU A 96 -4.47 -25.89 -8.77
C LEU A 96 -3.06 -25.63 -9.20
N ASN A 97 -2.88 -24.55 -10.00
CA ASN A 97 -1.62 -24.23 -10.66
C ASN A 97 -0.68 -23.41 -9.72
N CYS A 98 -1.22 -22.85 -8.65
CA CYS A 98 -0.37 -22.12 -7.69
C CYS A 98 0.66 -23.00 -6.95
N GLN A 99 1.91 -22.71 -7.08
CA GLN A 99 2.96 -23.34 -6.35
C GLN A 99 3.46 -22.46 -5.14
N ARG A 100 3.64 -21.19 -5.35
CA ARG A 100 4.17 -20.27 -4.35
C ARG A 100 3.15 -19.12 -4.35
N LEU A 101 2.75 -18.68 -3.17
CA LEU A 101 1.80 -17.61 -3.09
C LEU A 101 2.40 -16.46 -2.25
N VAL A 102 2.69 -15.32 -2.88
CA VAL A 102 3.19 -14.12 -2.17
C VAL A 102 1.99 -13.32 -1.67
N ILE A 103 1.91 -12.92 -0.39
CA ILE A 103 0.80 -12.11 0.11
C ILE A 103 1.36 -10.83 0.81
N ASP A 104 1.23 -9.68 0.17
CA ASP A 104 1.61 -8.39 0.82
C ASP A 104 0.44 -7.83 1.59
N GLU A 105 0.75 -6.94 2.53
CA GLU A 105 -0.26 -6.24 3.37
C GLU A 105 -1.05 -7.26 4.22
N ILE A 106 -0.36 -8.17 4.90
CA ILE A 106 -1.03 -9.21 5.70
C ILE A 106 -1.82 -8.60 6.87
N SER A 107 -1.45 -7.42 7.39
CA SER A 107 -2.22 -6.80 8.54
C SER A 107 -3.71 -6.59 8.20
N MET A 108 -3.99 -6.46 6.93
CA MET A 108 -5.37 -6.28 6.55
CA MET A 108 -5.38 -6.33 6.58
C MET A 108 -6.41 -7.53 6.52
N VAL A 109 -5.73 -8.68 6.70
CA VAL A 109 -6.49 -9.96 6.62
C VAL A 109 -6.88 -10.41 8.05
N GLU A 110 -8.16 -10.52 8.25
CA GLU A 110 -8.71 -10.96 9.57
C GLU A 110 -8.51 -12.48 9.80
N ALA A 111 -8.30 -12.90 11.05
CA ALA A 111 -7.92 -14.32 11.35
C ALA A 111 -8.91 -15.39 10.77
N ASP A 112 -10.22 -15.08 10.82
CA ASP A 112 -11.28 -16.05 10.39
C ASP A 112 -11.16 -16.24 8.86
N LEU A 113 -10.76 -15.16 8.16
CA LEU A 113 -10.58 -15.26 6.70
C LEU A 113 -9.35 -16.05 6.34
N PHE A 114 -8.21 -15.83 7.04
CA PHE A 114 -7.06 -16.68 6.85
C PHE A 114 -7.41 -18.19 7.05
N ASP A 115 -8.14 -18.51 8.09
CA ASP A 115 -8.58 -19.91 8.34
C ASP A 115 -9.50 -20.49 7.25
N LYS A 116 -10.40 -19.67 6.73
CA LYS A 116 -11.27 -20.10 5.57
C LYS A 116 -10.42 -20.40 4.34
N LEU A 117 -9.59 -19.42 3.94
CA LEU A 117 -8.65 -19.64 2.85
C LEU A 117 -7.79 -20.88 2.99
N GLU A 118 -7.23 -21.14 4.19
CA GLU A 118 -6.34 -22.28 4.38
C GLU A 118 -7.05 -23.68 4.13
N ALA A 119 -8.28 -23.76 4.56
CA ALA A 119 -9.14 -24.99 4.40
C ALA A 119 -9.58 -25.15 2.92
N VAL A 120 -9.98 -24.01 2.30
CA VAL A 120 -10.35 -23.97 0.85
C VAL A 120 -9.20 -24.51 0.06
N ALA A 121 -7.98 -24.04 0.36
CA ALA A 121 -6.77 -24.61 -0.29
C ALA A 121 -6.66 -26.12 -0.25
N ARG A 122 -6.74 -26.73 0.94
CA ARG A 122 -6.61 -28.20 1.14
C ARG A 122 -7.72 -28.96 0.40
N ALA A 123 -8.94 -28.44 0.39
CA ALA A 123 -10.07 -29.13 -0.28
C ALA A 123 -9.89 -29.11 -1.80
N VAL A 124 -9.77 -27.91 -2.38
CA VAL A 124 -9.64 -27.79 -3.87
C VAL A 124 -8.45 -28.59 -4.41
N ARG A 125 -7.32 -28.65 -3.70
CA ARG A 125 -6.09 -29.27 -4.24
C ARG A 125 -5.95 -30.74 -3.83
N GLN A 126 -6.86 -31.20 -2.98
CA GLN A 126 -6.79 -32.58 -2.38
C GLN A 126 -5.43 -32.91 -1.79
N GLN A 127 -4.95 -31.99 -0.93
CA GLN A 127 -3.63 -32.15 -0.33
C GLN A 127 -3.74 -31.85 1.17
N ASN A 128 -3.26 -32.76 2.01
CA ASN A 128 -3.45 -32.61 3.44
C ASN A 128 -2.47 -31.67 4.15
N LYS A 129 -1.46 -31.21 3.45
CA LYS A 129 -0.43 -30.33 3.98
C LYS A 129 -1.03 -28.94 4.33
N PRO A 130 -0.41 -28.19 5.24
CA PRO A 130 -0.91 -26.84 5.49
C PRO A 130 -1.08 -25.93 4.26
N PHE A 131 -2.23 -25.23 4.18
CA PHE A 131 -2.61 -24.35 2.98
C PHE A 131 -2.49 -25.15 1.63
N GLY A 132 -2.86 -26.44 1.68
CA GLY A 132 -2.85 -27.26 0.46
C GLY A 132 -1.49 -27.51 -0.13
N GLY A 133 -0.40 -27.42 0.71
CA GLY A 133 1.02 -27.55 0.27
C GLY A 133 1.67 -26.37 -0.45
N ILE A 134 0.94 -25.24 -0.56
CA ILE A 134 1.48 -23.97 -1.17
C ILE A 134 2.65 -23.42 -0.31
N GLN A 135 3.75 -22.99 -0.96
CA GLN A 135 4.82 -22.22 -0.27
C GLN A 135 4.35 -20.78 -0.09
N LEU A 136 4.22 -20.36 1.18
CA LEU A 136 3.70 -19.02 1.51
C LEU A 136 4.82 -18.07 1.74
N ILE A 137 4.71 -16.89 1.07
CA ILE A 137 5.70 -15.81 1.25
C ILE A 137 4.96 -14.51 1.66
N ILE A 138 4.96 -14.17 2.96
CA ILE A 138 3.99 -13.23 3.52
C ILE A 138 4.87 -12.02 4.02
N CYS A 139 4.35 -10.84 3.66
CA CYS A 139 5.02 -9.51 4.01
C CYS A 139 3.98 -8.61 4.64
N GLY A 140 4.47 -7.89 5.71
CA GLY A 140 3.63 -6.78 6.29
C GLY A 140 4.13 -6.49 7.70
N ASP A 141 3.17 -5.82 8.42
CA ASP A 141 3.50 -5.33 9.78
C ASP A 141 2.15 -5.12 10.58
N PHE A 142 2.05 -5.97 11.67
CA PHE A 142 0.84 -5.91 12.49
C PHE A 142 0.71 -4.66 13.35
N LEU A 143 1.73 -3.84 13.44
CA LEU A 143 1.69 -2.51 14.16
C LEU A 143 1.12 -1.36 13.27
N GLN A 144 0.66 -1.73 12.06
CA GLN A 144 -0.17 -0.89 11.20
CA GLN A 144 -0.19 -0.86 11.24
C GLN A 144 -1.61 -0.82 11.77
N LEU A 145 -2.59 -0.38 10.98
CA LEU A 145 -3.99 -0.39 11.45
C LEU A 145 -4.47 -1.80 11.69
N PRO A 146 -5.32 -2.01 12.73
CA PRO A 146 -6.01 -3.30 12.82
C PRO A 146 -6.82 -3.70 11.56
N PRO A 147 -7.04 -5.00 11.32
CA PRO A 147 -7.96 -5.42 10.25
C PRO A 147 -9.45 -4.90 10.57
N VAL A 148 -10.16 -4.58 9.51
CA VAL A 148 -11.63 -4.33 9.54
C VAL A 148 -12.44 -5.65 9.48
N THR A 149 -13.56 -5.72 10.23
CA THR A 149 -14.66 -6.64 9.80
C THR A 149 -16.03 -5.99 9.69
N LYS A 150 -16.90 -6.73 8.98
CA LYS A 150 -18.36 -6.56 9.01
C LYS A 150 -18.96 -7.47 10.11
N GLY A 151 -18.47 -8.70 10.22
CA GLY A 151 -18.82 -9.61 11.33
C GLY A 151 -18.89 -8.83 12.64
N SER A 152 -20.01 -8.98 13.35
CA SER A 152 -20.38 -8.07 14.46
C SER A 152 -19.29 -7.84 15.53
N GLN A 153 -18.64 -8.93 15.94
CA GLN A 153 -17.64 -8.91 17.05
C GLN A 153 -16.29 -8.22 16.75
N PRO A 154 -15.35 -8.20 17.73
CA PRO A 154 -14.01 -7.71 17.41
C PRO A 154 -13.22 -8.41 16.25
N PRO A 155 -12.42 -7.61 15.54
CA PRO A 155 -11.60 -8.23 14.56
C PRO A 155 -10.35 -8.84 15.23
N ARG A 156 -9.84 -9.95 14.72
CA ARG A 156 -8.71 -10.53 15.33
C ARG A 156 -7.56 -10.49 14.29
N PHE A 157 -6.34 -10.19 14.77
CA PHE A 157 -5.16 -10.16 13.89
C PHE A 157 -4.86 -11.56 13.29
N CYS A 158 -4.26 -11.57 12.12
CA CYS A 158 -3.96 -12.81 11.40
C CYS A 158 -3.14 -13.81 12.20
N PHE A 159 -2.20 -13.38 13.02
CA PHE A 159 -1.41 -14.23 13.87
C PHE A 159 -2.15 -14.98 14.99
N GLN A 160 -3.39 -14.61 15.22
CA GLN A 160 -4.28 -15.25 16.22
C GLN A 160 -5.07 -16.39 15.55
N SER A 161 -4.92 -16.62 14.25
CA SER A 161 -5.72 -17.71 13.63
C SER A 161 -5.23 -19.09 14.07
N LYS A 162 -6.13 -20.07 14.02
CA LYS A 162 -5.83 -21.47 14.40
C LYS A 162 -4.75 -22.08 13.52
N SER A 163 -4.71 -21.71 12.23
CA SER A 163 -3.70 -22.35 11.31
C SER A 163 -2.41 -21.55 11.15
N TRP A 164 -2.28 -20.33 11.77
CA TRP A 164 -1.03 -19.51 11.55
C TRP A 164 0.32 -20.18 11.84
N LYS A 165 0.52 -20.77 13.04
CA LYS A 165 1.80 -21.39 13.34
C LYS A 165 2.21 -22.58 12.43
N ARG A 166 1.19 -23.40 12.10
CA ARG A 166 1.34 -24.52 11.17
C ARG A 166 1.74 -24.06 9.75
N CYS A 167 1.13 -22.96 9.31
CA CYS A 167 1.39 -22.39 7.96
C CYS A 167 2.68 -21.59 7.86
N VAL A 168 3.09 -20.92 8.94
CA VAL A 168 4.19 -19.93 8.87
C VAL A 168 5.26 -20.34 9.91
N PRO A 169 6.09 -21.31 9.59
CA PRO A 169 7.00 -21.78 10.66
C PRO A 169 8.20 -20.85 10.96
N VAL A 170 8.59 -19.96 10.02
CA VAL A 170 9.76 -19.08 10.21
C VAL A 170 9.24 -17.63 10.03
N THR A 171 9.63 -16.80 11.01
CA THR A 171 9.45 -15.32 10.93
C THR A 171 10.76 -14.60 11.05
N LEU A 172 11.03 -13.70 10.10
CA LEU A 172 12.29 -12.90 10.08
C LEU A 172 11.96 -11.40 10.04
N GLU A 173 12.78 -10.60 10.70
CA GLU A 173 12.56 -9.14 10.81
C GLU A 173 13.61 -8.32 10.06
N LEU A 174 13.16 -7.19 9.52
CA LEU A 174 14.05 -6.14 8.96
C LEU A 174 14.00 -5.00 10.00
N THR A 175 15.17 -4.62 10.52
CA THR A 175 15.29 -3.67 11.56
C THR A 175 16.04 -2.36 11.28
N LYS A 176 17.01 -2.44 10.35
CA LYS A 176 17.87 -1.27 10.03
C LYS A 176 17.12 -0.35 9.05
N VAL A 177 17.45 0.95 9.17
CA VAL A 177 16.96 1.93 8.21
C VAL A 177 17.62 1.67 6.85
N TRP A 178 16.82 1.42 5.82
CA TRP A 178 17.26 1.08 4.44
C TRP A 178 18.01 2.24 3.77
N ARG A 179 18.87 1.88 2.82
CA ARG A 179 19.71 2.93 2.19
C ARG A 179 18.94 3.91 1.29
N GLN A 180 17.68 3.72 0.94
CA GLN A 180 16.83 4.66 0.26
C GLN A 180 15.90 5.49 1.15
N ALA A 181 16.20 5.49 2.45
CA ALA A 181 15.36 6.22 3.43
C ALA A 181 16.21 7.06 4.40
N ASP A 182 15.61 8.07 5.09
CA ASP A 182 16.34 8.98 5.95
C ASP A 182 16.50 8.40 7.37
N GLN A 183 17.73 8.34 7.90
CA GLN A 183 17.93 7.77 9.25
C GLN A 183 17.15 8.54 10.31
N THR A 184 17.21 9.87 10.33
CA THR A 184 16.51 10.62 11.39
C THR A 184 15.02 10.34 11.40
N PHE A 185 14.40 10.49 10.19
CA PHE A 185 12.94 10.34 10.17
C PHE A 185 12.47 8.93 10.42
N ILE A 186 13.11 7.88 9.86
CA ILE A 186 12.69 6.50 10.10
C ILE A 186 12.92 6.17 11.58
N SER A 187 14.03 6.64 12.20
CA SER A 187 14.18 6.40 13.64
C SER A 187 13.01 6.98 14.48
N LEU A 188 12.52 8.15 14.13
CA LEU A 188 11.38 8.70 14.79
C LEU A 188 10.13 7.80 14.56
N LEU A 189 9.87 7.38 13.31
CA LEU A 189 8.75 6.50 13.04
C LEU A 189 8.82 5.24 13.90
N GLN A 190 10.01 4.63 14.03
CA GLN A 190 10.15 3.36 14.72
C GLN A 190 9.78 3.54 16.21
N ALA A 191 10.07 4.72 16.80
CA ALA A 191 9.63 4.99 18.21
C ALA A 191 8.11 5.11 18.31
N VAL A 192 7.51 5.87 17.38
CA VAL A 192 6.03 6.05 17.36
C VAL A 192 5.30 4.74 17.16
N ARG A 193 5.82 3.88 16.26
CA ARG A 193 5.22 2.57 15.96
C ARG A 193 5.12 1.71 17.27
N LEU A 194 6.06 1.83 18.17
CA LEU A 194 6.10 1.05 19.48
C LEU A 194 5.38 1.82 20.58
N GLY A 195 4.65 2.90 20.23
CA GLY A 195 3.87 3.71 21.25
C GLY A 195 4.68 4.65 22.03
N ARG A 196 5.97 4.79 21.75
CA ARG A 196 6.94 5.50 22.56
C ARG A 196 7.27 6.92 22.11
N CYS A 197 6.60 7.92 22.61
CA CYS A 197 6.75 9.32 22.18
CA CYS A 197 6.76 9.32 22.20
C CYS A 197 7.49 10.10 23.29
N SER A 198 8.82 10.09 23.23
CA SER A 198 9.67 10.84 24.14
C SER A 198 9.49 12.36 23.99
N ASP A 199 10.08 13.12 24.97
CA ASP A 199 9.99 14.57 24.93
C ASP A 199 10.74 15.06 23.66
N GLU A 200 11.85 14.37 23.25
CA GLU A 200 12.57 14.75 22.04
C GLU A 200 11.73 14.46 20.72
N VAL A 201 11.02 13.34 20.67
CA VAL A 201 10.07 13.09 19.54
C VAL A 201 8.99 14.17 19.46
N THR A 202 8.35 14.54 20.61
CA THR A 202 7.36 15.54 20.60
C THR A 202 7.96 16.92 20.16
N ARG A 203 9.18 17.28 20.62
CA ARG A 203 9.82 18.49 20.16
C ARG A 203 10.04 18.43 18.63
N GLN A 204 10.55 17.30 18.11
CA GLN A 204 10.95 17.27 16.68
C GLN A 204 9.62 17.49 15.84
N LEU A 205 8.53 16.83 16.26
CA LEU A 205 7.27 17.05 15.48
C LEU A 205 6.58 18.41 15.62
N GLN A 206 6.53 18.89 16.87
CA GLN A 206 6.01 20.23 17.08
C GLN A 206 6.82 21.32 16.29
N ALA A 207 8.14 21.10 16.13
CA ALA A 207 9.02 22.01 15.40
C ALA A 207 8.62 22.16 13.93
N THR A 208 7.88 21.18 13.41
CA THR A 208 7.44 21.30 12.00
C THR A 208 6.16 22.07 11.81
N ALA A 209 5.45 22.45 12.88
CA ALA A 209 4.14 23.09 12.74
C ALA A 209 4.10 24.43 11.92
N SER A 210 5.26 25.12 11.90
CA SER A 210 5.48 26.40 11.26
CA SER A 210 5.43 26.38 11.21
C SER A 210 6.20 26.23 9.91
N HIS A 211 6.58 25.01 9.52
CA HIS A 211 7.37 24.77 8.32
C HIS A 211 6.53 25.24 7.07
N LYS A 212 7.08 26.05 6.19
CA LYS A 212 6.56 26.22 4.80
C LYS A 212 7.19 25.04 4.01
N VAL A 213 6.40 24.10 3.51
CA VAL A 213 6.86 22.89 2.83
C VAL A 213 6.81 22.96 1.28
N GLY A 214 5.88 23.74 0.76
CA GLY A 214 5.79 23.92 -0.69
C GLY A 214 6.69 25.05 -1.20
N ARG A 215 6.64 25.22 -2.48
CA ARG A 215 7.32 26.31 -3.22
C ARG A 215 6.88 26.21 -4.70
N ASP A 216 7.19 27.27 -5.44
CA ASP A 216 7.00 27.30 -6.93
C ASP A 216 5.60 26.93 -7.40
N GLY A 217 4.64 27.30 -6.61
CA GLY A 217 3.21 26.99 -6.91
C GLY A 217 2.64 25.69 -6.36
N ILE A 218 3.48 24.86 -5.79
CA ILE A 218 3.09 23.56 -5.23
C ILE A 218 2.82 23.84 -3.73
N VAL A 219 1.69 23.36 -3.22
CA VAL A 219 1.29 23.49 -1.78
C VAL A 219 1.10 22.09 -1.20
N ALA A 220 1.22 22.01 0.11
CA ALA A 220 1.11 20.71 0.75
C ALA A 220 -0.22 19.97 0.58
N THR A 221 -0.18 18.63 0.35
CA THR A 221 -1.37 17.80 0.36
C THR A 221 -1.85 17.62 1.84
N ARG A 222 -3.15 17.78 2.12
CA ARG A 222 -3.67 17.46 3.48
C ARG A 222 -4.01 15.98 3.48
N LEU A 223 -3.35 15.25 4.39
CA LEU A 223 -3.63 13.82 4.57
C LEU A 223 -4.90 13.64 5.41
N CYS A 224 -5.79 12.79 4.98
CA CYS A 224 -7.08 12.57 5.63
C CYS A 224 -7.36 11.05 5.89
N THR A 225 -8.32 10.76 6.76
CA THR A 225 -8.77 9.37 7.05
C THR A 225 -9.77 8.67 6.04
N HIS A 226 -10.58 9.36 5.21
CA HIS A 226 -11.62 8.70 4.45
C HIS A 226 -11.72 9.17 3.04
N GLN A 227 -11.64 8.22 2.14
CA GLN A 227 -11.61 8.45 0.69
C GLN A 227 -12.76 9.29 0.13
N ASP A 228 -13.96 9.15 0.68
CA ASP A 228 -15.09 9.86 0.03
C ASP A 228 -15.01 11.37 0.30
N ASP A 229 -14.64 11.73 1.52
CA ASP A 229 -14.55 13.16 1.80
C ASP A 229 -13.43 13.76 0.95
N VAL A 230 -12.47 12.94 0.66
CA VAL A 230 -11.28 13.37 -0.12
C VAL A 230 -11.70 13.72 -1.53
N ALA A 231 -12.48 12.86 -2.21
CA ALA A 231 -12.93 13.16 -3.58
C ALA A 231 -13.76 14.48 -3.66
N LEU A 232 -14.69 14.68 -2.67
CA LEU A 232 -15.51 15.94 -2.68
C LEU A 232 -14.56 17.16 -2.52
N THR A 233 -13.59 17.06 -1.64
CA THR A 233 -12.64 18.12 -1.39
C THR A 233 -11.84 18.50 -2.69
N ASN A 234 -11.20 17.50 -3.29
CA ASN A 234 -10.47 17.75 -4.51
C ASN A 234 -11.34 18.34 -5.64
N GLU A 235 -12.60 17.86 -5.79
CA GLU A 235 -13.51 18.34 -6.84
C GLU A 235 -13.87 19.82 -6.53
N ARG A 236 -14.12 20.19 -5.25
CA ARG A 236 -14.46 21.57 -4.89
C ARG A 236 -13.23 22.50 -5.15
N ARG A 237 -12.01 22.08 -4.78
CA ARG A 237 -10.86 22.90 -5.04
C ARG A 237 -10.67 23.11 -6.56
N LEU A 238 -10.81 22.07 -7.38
CA LEU A 238 -10.71 22.27 -8.83
C LEU A 238 -11.78 23.23 -9.37
N GLN A 239 -13.05 23.12 -8.81
CA GLN A 239 -14.10 23.97 -9.32
C GLN A 239 -13.76 25.46 -9.05
N GLU A 240 -13.05 25.77 -7.98
CA GLU A 240 -12.72 27.17 -7.61
C GLU A 240 -11.76 27.84 -8.60
N LEU A 241 -10.97 27.08 -9.34
CA LEU A 241 -9.98 27.69 -10.22
C LEU A 241 -10.67 28.22 -11.55
N PRO A 242 -10.12 29.32 -12.14
CA PRO A 242 -10.86 29.93 -13.26
C PRO A 242 -10.64 29.37 -14.63
N GLY A 243 -9.59 28.56 -14.77
CA GLY A 243 -9.20 28.01 -16.12
C GLY A 243 -10.25 27.11 -16.67
N LYS A 244 -10.20 26.97 -18.04
CA LYS A 244 -11.05 25.98 -18.69
C LYS A 244 -10.73 24.50 -18.23
N VAL A 245 -11.73 23.66 -18.11
CA VAL A 245 -11.59 22.17 -17.83
C VAL A 245 -10.96 21.50 -19.05
N HIS A 246 -9.94 20.65 -18.78
CA HIS A 246 -9.40 19.73 -19.78
C HIS A 246 -9.73 18.29 -19.28
N ARG A 247 -10.42 17.48 -20.13
CA ARG A 247 -10.83 16.12 -19.85
C ARG A 247 -9.89 15.08 -20.54
N PHE A 248 -9.57 14.03 -19.79
CA PHE A 248 -8.73 12.92 -20.35
C PHE A 248 -9.48 11.60 -20.04
N GLU A 249 -9.98 10.97 -21.15
CA GLU A 249 -10.72 9.69 -21.00
C GLU A 249 -9.84 8.47 -21.13
N ALA A 250 -9.99 7.48 -20.28
CA ALA A 250 -9.16 6.24 -20.41
C ALA A 250 -9.51 5.43 -21.66
N MET A 251 -8.51 4.70 -22.17
CA MET A 251 -8.80 3.60 -23.15
C MET A 251 -8.74 2.25 -22.37
N ASP A 252 -9.90 1.60 -22.27
CA ASP A 252 -10.04 0.36 -21.51
C ASP A 252 -10.24 -0.84 -22.53
N SER A 253 -9.65 -2.00 -22.25
CA SER A 253 -9.91 -3.16 -23.11
C SER A 253 -11.34 -3.65 -22.99
N ASN A 254 -11.90 -3.49 -21.78
CA ASN A 254 -13.23 -4.06 -21.46
C ASN A 254 -14.08 -2.96 -20.75
N PRO A 255 -14.62 -2.00 -21.47
CA PRO A 255 -15.39 -0.91 -20.86
C PRO A 255 -16.58 -1.32 -20.03
N GLU A 256 -17.09 -2.54 -20.24
CA GLU A 256 -18.16 -3.10 -19.41
C GLU A 256 -17.75 -3.39 -17.93
N LEU A 257 -16.48 -3.16 -17.58
CA LEU A 257 -15.93 -3.39 -16.24
C LEU A 257 -15.15 -2.17 -15.75
N ALA A 258 -15.50 -0.96 -16.15
CA ALA A 258 -14.75 0.25 -15.73
C ALA A 258 -14.78 0.43 -14.20
N SER A 259 -15.90 0.11 -13.57
CA SER A 259 -16.09 0.26 -12.10
C SER A 259 -15.02 -0.54 -11.38
N THR A 260 -14.79 -1.78 -11.83
CA THR A 260 -13.76 -2.71 -11.28
C THR A 260 -12.35 -2.12 -11.40
N LEU A 261 -12.01 -1.52 -12.53
CA LEU A 261 -10.71 -0.90 -12.72
C LEU A 261 -10.63 0.36 -11.84
N ASP A 262 -11.72 1.06 -11.68
CA ASP A 262 -11.75 2.29 -10.82
C ASP A 262 -11.37 1.94 -9.41
N ALA A 263 -11.70 0.71 -9.05
CA ALA A 263 -11.62 0.26 -7.67
C ALA A 263 -10.29 -0.48 -7.39
N GLN A 264 -9.59 -0.93 -8.44
CA GLN A 264 -8.32 -1.68 -8.32
C GLN A 264 -7.05 -1.02 -8.86
N CYS A 265 -7.10 -0.20 -9.89
CA CYS A 265 -5.90 0.46 -10.35
C CYS A 265 -5.90 1.89 -9.76
N PRO A 266 -4.78 2.62 -9.81
CA PRO A 266 -4.76 3.95 -9.08
C PRO A 266 -5.38 5.13 -9.88
N VAL A 267 -5.96 4.88 -11.07
CA VAL A 267 -6.58 5.96 -11.88
C VAL A 267 -7.95 5.60 -12.46
N SER A 268 -8.78 6.61 -12.69
CA SER A 268 -10.12 6.42 -13.13
C SER A 268 -10.37 6.54 -14.64
N GLN A 269 -11.58 6.24 -15.07
CA GLN A 269 -11.98 6.39 -16.44
C GLN A 269 -11.86 7.84 -16.92
N LEU A 270 -12.16 8.81 -16.03
CA LEU A 270 -12.15 10.22 -16.45
C LEU A 270 -11.33 11.07 -15.48
N LEU A 271 -10.28 11.67 -16.00
CA LEU A 271 -9.42 12.67 -15.27
C LEU A 271 -9.75 14.06 -15.77
N GLN A 272 -10.03 15.02 -14.83
CA GLN A 272 -10.20 16.44 -15.21
C GLN A 272 -9.11 17.30 -14.53
N LEU A 273 -8.55 18.20 -15.34
CA LEU A 273 -7.46 19.08 -14.90
C LEU A 273 -7.76 20.55 -15.32
N LYS A 274 -7.11 21.50 -14.67
CA LYS A 274 -7.07 22.87 -15.06
C LYS A 274 -5.67 23.43 -14.79
N LEU A 275 -5.29 24.59 -15.38
CA LEU A 275 -4.06 25.33 -14.97
C LEU A 275 -4.10 25.59 -13.44
N GLY A 276 -3.03 25.28 -12.71
CA GLY A 276 -3.04 25.47 -11.24
C GLY A 276 -3.52 24.26 -10.43
N ALA A 277 -3.94 23.16 -11.08
CA ALA A 277 -4.39 22.00 -10.31
C ALA A 277 -3.21 21.36 -9.55
N GLN A 278 -3.39 21.03 -8.31
CA GLN A 278 -2.40 20.24 -7.48
C GLN A 278 -2.55 18.78 -7.79
N VAL A 279 -1.41 18.16 -8.25
CA VAL A 279 -1.43 16.75 -8.67
C VAL A 279 -0.32 15.93 -7.96
N MET A 280 -0.52 14.60 -8.02
CA MET A 280 0.45 13.60 -7.47
C MET A 280 0.69 12.52 -8.56
N LEU A 281 1.95 12.20 -8.77
CA LEU A 281 2.30 11.09 -9.64
C LEU A 281 2.02 9.75 -9.00
N VAL A 282 1.48 8.77 -9.79
CA VAL A 282 1.14 7.44 -9.35
C VAL A 282 1.75 6.28 -10.21
N LYS A 283 2.82 6.60 -10.90
CA LYS A 283 3.73 5.59 -11.51
C LYS A 283 5.19 6.01 -11.26
N ASN A 284 6.12 5.03 -11.14
CA ASN A 284 7.58 5.33 -11.07
C ASN A 284 8.15 5.59 -12.42
N LEU A 285 8.07 6.81 -12.94
CA LEU A 285 8.66 7.15 -14.26
C LEU A 285 10.14 7.25 -14.35
N SER A 286 10.78 7.85 -13.34
CA SER A 286 12.26 7.86 -13.23
C SER A 286 12.76 8.03 -11.78
N VAL A 287 13.18 6.98 -11.11
CA VAL A 287 13.76 7.01 -9.75
C VAL A 287 14.93 8.00 -9.73
N SER A 288 15.79 8.00 -10.76
CA SER A 288 16.97 8.86 -10.65
C SER A 288 16.73 10.35 -10.66
N ARG A 289 15.61 10.77 -11.25
CA ARG A 289 15.25 12.22 -11.36
C ARG A 289 14.17 12.59 -10.34
N GLY A 290 13.77 11.66 -9.47
CA GLY A 290 12.71 11.95 -8.44
C GLY A 290 11.28 11.83 -8.88
N LEU A 291 11.06 11.32 -10.07
CA LEU A 291 9.69 11.06 -10.62
C LEU A 291 9.22 9.72 -10.15
N VAL A 292 8.84 9.58 -8.89
CA VAL A 292 8.46 8.36 -8.23
C VAL A 292 6.97 8.49 -7.76
N ASN A 293 6.34 7.38 -7.37
CA ASN A 293 4.96 7.41 -6.79
C ASN A 293 5.07 8.36 -5.58
N GLY A 294 4.07 9.25 -5.48
CA GLY A 294 3.97 10.23 -4.40
C GLY A 294 4.57 11.61 -4.73
N ALA A 295 5.31 11.75 -5.87
CA ALA A 295 5.89 13.04 -6.19
C ALA A 295 4.81 14.10 -6.41
N ARG A 296 4.96 15.25 -5.74
CA ARG A 296 3.95 16.34 -5.81
C ARG A 296 4.33 17.40 -6.84
N GLY A 297 3.33 17.85 -7.60
CA GLY A 297 3.44 18.92 -8.61
C GLY A 297 2.25 19.77 -8.81
N VAL A 298 2.36 20.71 -9.72
CA VAL A 298 1.28 21.65 -10.12
C VAL A 298 1.19 21.73 -11.64
N VAL A 299 -0.03 21.76 -12.21
CA VAL A 299 -0.21 21.94 -13.65
C VAL A 299 0.16 23.37 -14.09
N VAL A 300 1.10 23.53 -15.03
CA VAL A 300 1.56 24.85 -15.48
C VAL A 300 1.23 25.15 -16.92
N GLY A 301 0.65 24.17 -17.66
CA GLY A 301 0.30 24.41 -19.12
C GLY A 301 -0.37 23.13 -19.70
N PHE A 302 -0.77 23.22 -20.96
CA PHE A 302 -1.22 22.05 -21.74
C PHE A 302 -0.62 22.21 -23.14
N GLU A 303 -0.35 21.09 -23.81
CA GLU A 303 0.10 21.14 -25.23
C GLU A 303 -0.92 21.98 -26.04
N ALA A 304 -0.42 22.85 -26.92
CA ALA A 304 -1.36 23.70 -27.71
C ALA A 304 -2.14 22.90 -28.75
N GLU A 305 -1.60 21.78 -29.22
CA GLU A 305 -2.19 21.02 -30.28
C GLU A 305 -2.23 19.51 -29.89
N GLY A 306 -2.54 18.59 -30.86
CA GLY A 306 -2.57 17.15 -30.53
C GLY A 306 -3.56 16.90 -29.36
N ARG A 307 -3.18 15.98 -28.46
CA ARG A 307 -4.01 15.59 -27.33
C ARG A 307 -3.99 16.60 -26.21
N GLY A 308 -3.29 17.70 -26.30
CA GLY A 308 -3.36 18.69 -25.19
C GLY A 308 -2.89 18.17 -23.90
N LEU A 309 -1.81 17.42 -23.81
CA LEU A 309 -1.40 16.79 -22.58
C LEU A 309 -0.86 17.79 -21.57
N PRO A 310 -1.07 17.54 -20.26
CA PRO A 310 -0.61 18.50 -19.24
C PRO A 310 0.90 18.61 -19.09
N GLN A 311 1.35 19.81 -18.90
CA GLN A 311 2.72 20.10 -18.46
C GLN A 311 2.73 20.32 -16.95
N VAL A 312 3.53 19.55 -16.17
CA VAL A 312 3.54 19.53 -14.69
C VAL A 312 4.89 19.93 -14.20
N ARG A 313 4.89 20.88 -13.28
CA ARG A 313 6.11 21.31 -12.56
C ARG A 313 6.13 20.56 -11.22
N PHE A 314 7.16 19.76 -10.97
CA PHE A 314 7.29 18.95 -9.76
C PHE A 314 8.23 19.61 -8.77
N LEU A 315 7.98 19.39 -7.47
CA LEU A 315 8.84 19.87 -6.38
C LEU A 315 10.27 19.38 -6.48
N CYS A 316 10.43 18.17 -7.06
CA CYS A 316 11.76 17.58 -7.21
C CYS A 316 12.63 18.34 -8.20
N GLY A 317 12.07 19.26 -9.03
CA GLY A 317 12.83 20.09 -9.97
C GLY A 317 12.60 19.82 -11.48
N VAL A 318 11.87 18.76 -11.80
CA VAL A 318 11.48 18.47 -13.18
C VAL A 318 10.23 19.22 -13.61
N THR A 319 10.22 19.76 -14.83
CA THR A 319 8.97 20.19 -15.50
C THR A 319 8.84 19.31 -16.74
N GLU A 320 7.70 18.67 -16.95
CA GLU A 320 7.59 17.74 -18.10
C GLU A 320 6.13 17.53 -18.50
N VAL A 321 5.91 17.23 -19.77
CA VAL A 321 4.56 16.87 -20.29
C VAL A 321 4.32 15.41 -19.91
N ILE A 322 3.15 15.11 -19.34
CA ILE A 322 2.84 13.71 -18.88
C ILE A 322 1.92 13.01 -19.85
N HIS A 323 2.40 11.84 -20.33
CA HIS A 323 1.67 11.03 -21.27
C HIS A 323 0.96 9.86 -20.60
N ALA A 324 0.07 9.15 -21.33
CA ALA A 324 -0.61 7.99 -20.77
C ALA A 324 0.38 6.81 -20.42
N ASP A 325 0.06 6.09 -19.39
CA ASP A 325 0.69 4.85 -18.94
C ASP A 325 -0.40 3.73 -18.98
N ARG A 326 0.00 2.50 -18.61
CA ARG A 326 -0.86 1.30 -18.70
C ARG A 326 -0.79 0.59 -17.38
N TRP A 327 -1.97 -0.01 -17.03
CA TRP A 327 -2.12 -0.92 -15.91
C TRP A 327 -2.91 -2.18 -16.43
N THR A 328 -2.58 -3.34 -15.82
CA THR A 328 -3.30 -4.57 -16.09
CA THR A 328 -3.26 -4.55 -16.06
C THR A 328 -3.75 -5.13 -14.75
N VAL A 329 -5.04 -5.53 -14.69
CA VAL A 329 -5.73 -6.09 -13.54
C VAL A 329 -6.22 -7.49 -13.90
N GLN A 330 -6.20 -8.40 -12.94
CA GLN A 330 -6.63 -9.77 -13.15
C GLN A 330 -7.97 -9.88 -12.44
N ALA A 331 -9.04 -10.21 -13.22
CA ALA A 331 -10.39 -10.42 -12.69
C ALA A 331 -10.48 -11.78 -11.99
N THR A 332 -11.53 -11.93 -11.15
CA THR A 332 -11.85 -13.26 -10.55
C THR A 332 -12.06 -14.19 -11.73
N GLY A 333 -11.37 -15.33 -11.74
CA GLY A 333 -11.51 -16.26 -12.84
C GLY A 333 -10.35 -16.18 -13.79
N GLY A 334 -9.60 -15.07 -13.77
CA GLY A 334 -8.30 -15.03 -14.40
C GLY A 334 -8.15 -14.09 -15.62
N GLN A 335 -9.24 -13.52 -16.12
CA GLN A 335 -9.19 -12.65 -17.34
C GLN A 335 -8.34 -11.39 -17.13
N LEU A 336 -7.35 -11.10 -18.02
CA LEU A 336 -6.53 -9.88 -17.89
C LEU A 336 -7.21 -8.69 -18.53
N LEU A 337 -7.41 -7.65 -17.73
CA LEU A 337 -8.17 -6.41 -18.22
C LEU A 337 -7.11 -5.22 -18.18
N SER A 338 -7.19 -4.29 -19.15
CA SER A 338 -6.18 -3.19 -19.18
C SER A 338 -6.82 -1.81 -19.29
N ARG A 339 -6.16 -0.81 -18.67
CA ARG A 339 -6.54 0.61 -18.71
C ARG A 339 -5.28 1.39 -19.07
N GLN A 340 -5.47 2.27 -20.08
CA GLN A 340 -4.44 3.29 -20.43
C GLN A 340 -5.01 4.69 -20.05
N GLN A 341 -4.24 5.44 -19.25
CA GLN A 341 -4.65 6.79 -18.80
C GLN A 341 -3.43 7.50 -18.18
N LEU A 342 -3.54 8.81 -17.96
CA LEU A 342 -2.42 9.58 -17.37
C LEU A 342 -2.17 9.14 -15.92
N PRO A 343 -0.92 9.04 -15.49
CA PRO A 343 -0.67 8.53 -14.10
C PRO A 343 -0.66 9.70 -13.06
N LEU A 344 -1.78 10.41 -12.98
CA LEU A 344 -1.92 11.57 -12.07
C LEU A 344 -3.22 11.51 -11.27
N GLN A 345 -3.17 11.95 -10.01
CA GLN A 345 -4.38 12.08 -9.16
C GLN A 345 -4.43 13.52 -8.64
N LEU A 346 -5.62 14.08 -8.41
CA LEU A 346 -5.71 15.39 -7.71
C LEU A 346 -5.16 15.24 -6.28
N ALA A 347 -4.60 16.30 -5.72
CA ALA A 347 -3.81 16.16 -4.49
C ALA A 347 -3.85 17.35 -3.52
N TRP A 348 -4.97 18.13 -3.52
CA TRP A 348 -5.20 18.97 -2.36
C TRP A 348 -5.43 18.13 -1.07
N ALA A 349 -6.06 17.03 -1.26
CA ALA A 349 -6.32 16.05 -0.15
C ALA A 349 -5.97 14.67 -0.65
N MET A 350 -5.63 13.74 0.27
CA MET A 350 -5.28 12.33 -0.05
CA MET A 350 -5.34 12.34 -0.06
C MET A 350 -5.63 11.48 1.17
N SER A 351 -6.24 10.29 0.89
CA SER A 351 -6.53 9.39 2.04
C SER A 351 -5.36 8.51 2.42
N ILE A 352 -5.33 8.10 3.68
CA ILE A 352 -4.37 7.09 4.15
C ILE A 352 -4.50 5.80 3.29
N HIS A 353 -5.73 5.36 2.98
CA HIS A 353 -5.92 4.11 2.23
C HIS A 353 -5.31 4.10 0.83
N LYS A 354 -5.58 5.14 0.05
CA LYS A 354 -5.03 5.22 -1.35
C LYS A 354 -3.56 5.60 -1.50
N SER A 355 -2.90 5.90 -0.38
CA SER A 355 -1.47 6.28 -0.40
C SER A 355 -0.57 5.17 0.17
N GLN A 356 -1.12 3.96 0.36
CA GLN A 356 -0.31 2.85 0.92
C GLN A 356 0.79 2.44 -0.07
N GLY A 357 2.03 2.24 0.41
CA GLY A 357 3.14 1.82 -0.46
C GLY A 357 3.91 2.97 -1.06
N MET A 358 3.59 4.21 -0.65
CA MET A 358 4.32 5.35 -1.17
C MET A 358 4.49 6.42 -0.06
N THR A 359 5.29 7.41 -0.37
CA THR A 359 5.50 8.57 0.49
C THR A 359 5.46 9.81 -0.38
N LEU A 360 4.97 10.92 0.21
CA LEU A 360 4.82 12.19 -0.46
C LEU A 360 5.95 13.12 -0.03
N ASP A 361 6.33 14.02 -0.95
CA ASP A 361 7.40 15.04 -0.73
C ASP A 361 6.84 16.40 -0.27
N CYS A 362 5.53 16.54 -0.12
CA CYS A 362 4.91 17.82 0.32
C CYS A 362 3.60 17.46 1.04
N VAL A 363 3.60 17.39 2.37
CA VAL A 363 2.39 16.89 3.09
C VAL A 363 2.16 17.55 4.47
N GLU A 364 0.88 17.72 4.81
CA GLU A 364 0.41 18.29 6.10
C GLU A 364 -0.43 17.23 6.82
N ILE A 365 -0.17 17.03 8.12
CA ILE A 365 -0.84 16.00 8.87
C ILE A 365 -1.39 16.65 10.18
N SER A 366 -2.65 16.43 10.51
CA SER A 366 -3.22 16.84 11.82
CA SER A 366 -3.20 16.82 11.82
C SER A 366 -3.27 15.68 12.94
N LEU A 367 -2.53 15.86 14.10
CA LEU A 367 -2.43 14.75 15.13
C LEU A 367 -2.71 15.21 16.58
N GLY A 368 -3.82 15.93 16.77
CA GLY A 368 -4.22 16.35 18.16
C GLY A 368 -5.29 15.43 18.72
N ARG A 369 -6.03 14.78 17.81
CA ARG A 369 -7.18 13.92 18.23
C ARG A 369 -6.74 12.39 18.53
N VAL A 370 -7.46 11.57 19.30
CA VAL A 370 -6.96 10.13 19.38
C VAL A 370 -7.66 9.27 18.27
N PHE A 371 -6.84 8.49 17.61
CA PHE A 371 -7.40 7.61 16.55
C PHE A 371 -7.21 6.18 17.03
N ALA A 372 -7.42 5.24 16.13
CA ALA A 372 -7.18 3.85 16.53
C ALA A 372 -5.68 3.58 16.81
N SER A 373 -5.44 2.39 17.35
CA SER A 373 -4.07 1.88 17.53
C SER A 373 -3.38 1.91 16.16
N GLY A 374 -2.17 2.45 16.12
CA GLY A 374 -1.37 2.49 14.88
C GLY A 374 -1.68 3.64 13.93
N GLN A 375 -2.76 4.40 14.17
CA GLN A 375 -3.15 5.48 13.23
C GLN A 375 -2.13 6.63 13.11
N ALA A 376 -1.62 7.15 14.21
CA ALA A 376 -0.63 8.22 14.19
C ALA A 376 0.64 7.71 13.41
N TYR A 377 1.09 6.50 13.75
CA TYR A 377 2.30 5.94 13.05
C TYR A 377 2.01 5.83 11.52
N VAL A 378 0.89 5.22 11.14
CA VAL A 378 0.62 5.03 9.70
C VAL A 378 0.53 6.38 8.98
N ALA A 379 -0.13 7.37 9.55
CA ALA A 379 -0.17 8.70 8.91
C ALA A 379 1.22 9.31 8.77
N LEU A 380 2.03 9.34 9.84
CA LEU A 380 3.37 9.91 9.71
C LEU A 380 4.22 9.11 8.67
N SER A 381 3.95 7.84 8.50
CA SER A 381 4.74 7.04 7.53
C SER A 381 4.52 7.45 6.06
N ARG A 382 3.52 8.28 5.78
CA ARG A 382 3.28 8.84 4.41
C ARG A 382 4.24 10.00 4.09
N ALA A 383 4.99 10.53 5.06
CA ALA A 383 5.99 11.58 4.76
C ALA A 383 7.37 10.93 4.45
N ARG A 384 8.29 11.69 3.92
CA ARG A 384 9.72 11.24 3.73
C ARG A 384 10.80 11.72 4.73
N SER A 385 10.59 12.91 5.25
CA SER A 385 11.57 13.57 6.09
C SER A 385 10.83 14.70 6.74
N LEU A 386 11.48 15.20 7.76
CA LEU A 386 11.03 16.34 8.51
C LEU A 386 10.93 17.59 7.59
N GLN A 387 11.78 17.72 6.55
CA GLN A 387 11.78 18.92 5.67
C GLN A 387 10.49 19.07 4.83
N GLY A 388 9.89 17.91 4.43
CA GLY A 388 8.67 17.84 3.59
C GLY A 388 7.39 17.72 4.31
N LEU A 389 7.39 17.92 5.63
CA LEU A 389 6.29 17.64 6.45
C LEU A 389 5.90 18.83 7.40
N ARG A 390 4.59 19.12 7.50
CA ARG A 390 4.10 20.00 8.56
C ARG A 390 3.01 19.25 9.35
N VAL A 391 3.33 19.10 10.66
CA VAL A 391 2.36 18.50 11.61
C VAL A 391 1.67 19.59 12.43
N LEU A 392 0.35 19.67 12.30
CA LEU A 392 -0.46 20.61 13.11
C LEU A 392 -0.85 19.99 14.43
N ASP A 393 -0.66 20.81 15.48
CA ASP A 393 -1.21 20.55 16.79
C ASP A 393 -0.90 19.18 17.32
N PHE A 394 0.35 18.71 17.13
CA PHE A 394 0.74 17.42 17.61
C PHE A 394 0.58 17.32 19.16
N ASP A 395 -0.01 16.21 19.61
CA ASP A 395 -0.21 15.86 21.01
C ASP A 395 0.23 14.45 21.23
N PRO A 396 1.26 14.11 22.12
CA PRO A 396 1.71 12.75 22.36
C PRO A 396 0.64 11.77 22.86
N MET A 397 -0.51 12.30 23.29
CA MET A 397 -1.80 11.58 23.37
C MET A 397 -2.39 11.04 22.17
N ALA A 398 -1.98 11.55 20.99
CA ALA A 398 -2.35 11.00 19.67
C ALA A 398 -1.79 9.56 19.45
N VAL A 399 -0.80 9.18 20.24
CA VAL A 399 0.06 8.02 19.87
C VAL A 399 -0.54 6.89 20.72
N ARG A 400 -1.19 5.89 20.08
CA ARG A 400 -1.65 4.65 20.79
C ARG A 400 -1.29 3.42 19.97
N CYS A 401 -0.90 2.43 20.66
CA CYS A 401 -0.65 1.10 20.07
CA CYS A 401 -0.40 1.11 20.29
C CYS A 401 -1.27 -0.17 20.90
N ASP A 402 -1.45 -1.18 20.10
CA ASP A 402 -2.18 -2.37 20.56
C ASP A 402 -1.31 -3.26 21.44
N PRO A 403 -1.61 -3.48 22.77
CA PRO A 403 -0.66 -4.25 23.62
C PRO A 403 -0.50 -5.75 23.22
N ARG A 404 -1.51 -6.37 22.64
CA ARG A 404 -1.34 -7.77 22.20
C ARG A 404 -0.27 -7.79 21.09
N VAL A 405 -0.33 -6.84 20.18
CA VAL A 405 0.64 -6.80 19.03
C VAL A 405 2.03 -6.47 19.58
N LEU A 406 2.16 -5.55 20.53
CA LEU A 406 3.50 -5.26 21.13
C LEU A 406 4.10 -6.53 21.72
N HIS A 407 3.35 -7.39 22.37
CA HIS A 407 3.91 -8.61 22.92
C HIS A 407 4.37 -9.59 21.76
N PHE A 408 3.61 -9.68 20.69
CA PHE A 408 4.02 -10.49 19.53
C PHE A 408 5.43 -10.00 19.05
N TYR A 409 5.60 -8.71 18.88
CA TYR A 409 6.91 -8.17 18.47
C TYR A 409 8.02 -8.35 19.46
N ALA A 410 7.71 -8.24 20.76
CA ALA A 410 8.69 -8.40 21.83
C ALA A 410 9.18 -9.86 21.84
N THR A 411 8.34 -10.84 21.60
CA THR A 411 8.78 -12.23 21.53
C THR A 411 9.71 -12.46 20.36
N LEU A 412 9.38 -11.86 19.23
CA LEU A 412 10.23 -11.98 18.02
C LEU A 412 11.61 -11.39 18.30
N ARG A 413 11.67 -10.24 18.95
CA ARG A 413 12.93 -9.52 19.26
C ARG A 413 13.79 -10.36 20.22
N ARG A 414 13.17 -11.03 21.17
CA ARG A 414 13.92 -11.84 22.16
C ARG A 414 14.61 -12.99 21.45
N GLY A 415 13.98 -13.58 20.44
CA GLY A 415 14.64 -14.63 19.64
C GLY A 415 16.01 -14.13 19.23
N ARG A 416 16.06 -13.02 18.50
CA ARG A 416 17.25 -12.25 18.07
C ARG A 416 16.80 -11.09 17.19
S SO4 B . 9.50 -0.26 3.21
O1 SO4 B . 9.82 -1.21 4.26
O2 SO4 B . 9.05 -0.82 1.97
O3 SO4 B . 8.81 0.97 3.65
O4 SO4 B . 10.84 0.33 2.83
S SO4 C . 2.60 25.31 1.86
O1 SO4 C . 3.66 25.05 2.90
O2 SO4 C . 1.44 24.33 2.02
O3 SO4 C . 2.07 26.64 2.15
O4 SO4 C . 3.31 25.12 0.58
S SO4 D . 4.61 1.20 -10.07
O1 SO4 D . 5.23 0.81 -8.76
O2 SO4 D . 4.81 -0.03 -11.02
O3 SO4 D . 3.36 1.39 -9.44
O4 SO4 D . 5.17 2.20 -11.16
#